data_1RRS
#
_entry.id   1RRS
#
_cell.length_a   37.758
_cell.length_b   85.539
_cell.length_c   141.163
_cell.angle_alpha   90.00
_cell.angle_beta   90.00
_cell.angle_gamma   90.00
#
_symmetry.space_group_name_H-M   'P 21 21 21'
#
loop_
_entity.id
_entity.type
_entity.pdbx_description
1 polymer "5'-D(*AP*AP*GP*AP*CP*(8OG)P*TP*GP*GP*AP*C)-3'"
2 polymer "5'-D(*TP*GP*TP*CP*CP*AP*(HPD)P*GP*TP*CP*T)-3'"
3 polymer MutY
4 non-polymer 'CALCIUM ION'
5 non-polymer 'IRON/SULFUR CLUSTER'
6 water water
#
loop_
_entity_poly.entity_id
_entity_poly.type
_entity_poly.pdbx_seq_one_letter_code
_entity_poly.pdbx_strand_id
1 'polydeoxyribonucleotide' (DA)(DA)(DG)(DA)(DC)(8OG)(DT)(DG)(DG)(DA)(DC) B
2 'polydeoxyribonucleotide' (DT)(DG)(DT)(DC)(DC)(DA)(HPD)(DG)(DT)(DC)(DT) C
3 'polypeptide(L)'
;GSHMTRETERFPAREFQRDLLDWFARERRDLPWRKDRDPYKVWVSEVMLQQTRVETVIPYFEQFIDRFPTLEALADADED
EVLKAWEGLGYYSRVRNLHAAVKEVKTRYGGKVPDDPDEFSRLKGVGPYTVGAVLSLAYGVPEPAVNGNVMRVLSRLFLV
TDDIAKPSTRKRFEQIVREIMAYENPGAFNEALIELGALVCTPRRPSCLLCPVQAYCQAFAEGVAEELPVKMKKTAVKQV
PLAVAVLADDEGRVLIRKRDSTGLLANLWEFPSCETDGADGKEKLEQMVGEQYGLQVELTEPIVSFEHAFSHLVWQLTVF
PGRLVHGGPVEEPYRLAPEDELKAYAFPVSHQRVWREYKEWASGVRPPP
;
A
#
loop_
_chem_comp.id
_chem_comp.type
_chem_comp.name
_chem_comp.formula
8OG DNA linking 8-OXO-2'-DEOXY-GUANOSINE-5'-MONOPHOSPHATE 'C10 H14 N5 O8 P'
CA non-polymer 'CALCIUM ION' 'Ca 2'
DA DNA linking 2'-DEOXYADENOSINE-5'-MONOPHOSPHATE 'C10 H14 N5 O6 P'
DC DNA linking 2'-DEOXYCYTIDINE-5'-MONOPHOSPHATE 'C9 H14 N3 O7 P'
DG DNA linking 2'-DEOXYGUANOSINE-5'-MONOPHOSPHATE 'C10 H14 N5 O7 P'
DT DNA linking THYMIDINE-5'-MONOPHOSPHATE 'C10 H15 N2 O8 P'
HPD non-polymer 1-HYDROXY-PENTANE-3,4-DIOL-5-PHOSPHATE 'C5 H13 O7 P'
SF4 non-polymer 'IRON/SULFUR CLUSTER' 'Fe4 S4'
#
# COMPACT_ATOMS: atom_id res chain seq x y z
P 8OG A 6 4.15 -7.24 2.45
OP1 8OG A 6 3.46 -6.96 1.15
OP2 8OG A 6 5.23 -8.27 2.50
O5' 8OG A 6 4.75 -5.88 3.03
C5' 8OG A 6 6.14 -5.55 2.86
C4' 8OG A 6 6.32 -4.73 1.61
O4' 8OG A 6 5.57 -3.49 1.73
C3' 8OG A 6 7.75 -4.31 1.33
O3' 8OG A 6 7.88 -4.16 -0.07
C2' 8OG A 6 7.87 -2.97 2.02
C1' 8OG A 6 6.46 -2.39 1.92
N9 8OG A 6 5.93 -1.66 3.07
C8 8OG A 6 6.16 -1.89 4.42
N7 8OG A 6 5.54 -1.06 5.21
C5 8OG A 6 4.86 -0.23 4.35
C6 8OG A 6 3.98 0.89 4.60
O6 8OG A 6 3.64 1.35 5.69
N1 8OG A 6 3.49 1.46 3.42
C2 8OG A 6 3.80 1.03 2.13
N2 8OG A 6 3.25 1.70 1.12
N3 8OG A 6 4.60 0.00 1.88
C4 8OG A 6 5.10 -0.58 3.02
O8 8OG A 6 6.89 -2.80 4.83
P HPD B 7 -1.34 11.06 2.51
O5' HPD B 7 -2.79 10.49 2.19
O1P HPD B 7 -0.68 11.43 1.25
O2P HPD B 7 -1.49 12.07 3.60
C5' HPD B 7 -3.08 9.09 2.25
O4' HPD B 7 -5.16 9.74 3.26
O3' HPD B 7 -5.20 7.05 4.62
C1' HPD B 7 -6.32 6.12 2.21
O1' HPD B 7 -7.06 6.05 0.96
C3' HPD B 7 -4.68 7.41 3.33
C4' HPD B 7 -4.06 8.81 3.36
C2' HPD B 7 -5.80 7.55 2.32
N PRO C 12 -22.07 22.59 16.34
CA PRO C 12 -22.09 23.74 15.41
C PRO C 12 -21.90 23.21 14.00
N ALA C 13 -22.52 22.07 13.72
CA ALA C 13 -22.44 21.41 12.41
C ALA C 13 -22.45 22.41 11.26
N ARG C 14 -23.64 22.73 10.75
CA ARG C 14 -23.78 23.65 9.63
C ARG C 14 -22.74 24.76 9.54
N GLU C 15 -22.45 25.42 10.66
CA GLU C 15 -21.45 26.47 10.66
C GLU C 15 -20.10 25.87 10.26
N PHE C 16 -19.75 24.76 10.89
CA PHE C 16 -18.48 24.06 10.63
C PHE C 16 -18.45 23.44 9.24
N GLN C 17 -19.41 22.56 8.97
CA GLN C 17 -19.49 21.90 7.68
C GLN C 17 -19.80 22.85 6.55
N ARG C 18 -19.32 24.08 6.66
CA ARG C 18 -19.54 25.10 5.64
C ARG C 18 -18.20 25.76 5.32
N ASP C 19 -17.44 26.05 6.36
CA ASP C 19 -16.13 26.67 6.19
C ASP C 19 -15.13 25.61 5.72
N LEU C 20 -15.49 24.35 5.95
CA LEU C 20 -14.66 23.23 5.55
C LEU C 20 -14.90 23.02 4.05
N LEU C 21 -16.16 22.80 3.68
CA LEU C 21 -16.51 22.57 2.29
C LEU C 21 -16.11 23.73 1.38
N ASP C 22 -16.04 24.93 1.96
CA ASP C 22 -15.65 26.10 1.20
C ASP C 22 -14.16 26.05 0.93
N TRP C 23 -13.38 25.98 2.02
CA TRP C 23 -11.93 25.88 1.93
C TRP C 23 -11.55 24.80 0.91
N PHE C 24 -12.24 23.67 0.99
CA PHE C 24 -11.99 22.54 0.10
C PHE C 24 -12.20 22.93 -1.36
N ALA C 25 -13.32 23.60 -1.63
CA ALA C 25 -13.65 24.02 -2.99
C ALA C 25 -12.53 24.80 -3.65
N ARG C 26 -11.89 25.70 -2.89
CA ARG C 26 -10.82 26.49 -3.45
C ARG C 26 -9.43 25.95 -3.20
N GLU C 27 -9.31 24.96 -2.32
CA GLU C 27 -7.99 24.43 -1.99
C GLU C 27 -7.71 22.98 -2.40
N ARG C 28 -8.72 22.23 -2.83
CA ARG C 28 -8.52 20.82 -3.21
C ARG C 28 -7.54 20.68 -4.37
N ARG C 29 -6.59 19.77 -4.22
CA ARG C 29 -5.58 19.50 -5.24
C ARG C 29 -6.19 18.72 -6.40
N ASP C 30 -5.76 19.03 -7.61
CA ASP C 30 -6.25 18.33 -8.79
C ASP C 30 -5.46 17.05 -8.95
N LEU C 31 -5.84 16.03 -8.19
CA LEU C 31 -5.18 14.74 -8.25
C LEU C 31 -5.82 13.91 -9.36
N PRO C 32 -5.07 12.97 -9.93
CA PRO C 32 -5.57 12.11 -11.00
C PRO C 32 -6.92 11.45 -10.74
N TRP C 33 -7.10 10.90 -9.54
CA TRP C 33 -8.37 10.24 -9.20
C TRP C 33 -9.51 11.20 -8.92
N ARG C 34 -9.24 12.50 -8.96
CA ARG C 34 -10.30 13.48 -8.74
C ARG C 34 -10.85 14.03 -10.06
N LYS C 35 -10.43 13.46 -11.19
CA LYS C 35 -10.93 13.89 -12.50
C LYS C 35 -12.43 13.56 -12.61
N ASP C 36 -12.86 12.53 -11.90
CA ASP C 36 -14.27 12.14 -11.90
C ASP C 36 -14.59 11.36 -10.64
N ARG C 37 -15.84 10.92 -10.53
CA ARG C 37 -16.27 10.16 -9.37
C ARG C 37 -16.62 8.70 -9.71
N ASP C 38 -15.92 8.13 -10.67
CA ASP C 38 -16.15 6.76 -11.07
C ASP C 38 -15.67 5.82 -9.96
N PRO C 39 -16.60 5.03 -9.38
CA PRO C 39 -16.30 4.09 -8.29
C PRO C 39 -15.04 3.25 -8.52
N TYR C 40 -14.84 2.80 -9.74
CA TYR C 40 -13.65 2.00 -10.02
C TYR C 40 -12.38 2.81 -9.77
N LYS C 41 -12.29 3.97 -10.41
CA LYS C 41 -11.11 4.83 -10.25
C LYS C 41 -10.93 5.20 -8.78
N VAL C 42 -12.03 5.54 -8.11
CA VAL C 42 -11.96 5.94 -6.71
C VAL C 42 -11.45 4.80 -5.84
N TRP C 43 -12.10 3.65 -5.97
CA TRP C 43 -11.74 2.46 -5.22
C TRP C 43 -10.24 2.21 -5.35
N VAL C 44 -9.76 2.13 -6.59
CA VAL C 44 -8.34 1.91 -6.84
C VAL C 44 -7.42 2.89 -6.12
N SER C 45 -7.75 4.18 -6.20
CA SER C 45 -6.92 5.19 -5.57
C SER C 45 -6.99 5.08 -4.04
N GLU C 46 -8.18 4.81 -3.51
CA GLU C 46 -8.34 4.68 -2.06
C GLU C 46 -7.50 3.52 -1.54
N VAL C 47 -7.31 2.49 -2.36
CA VAL C 47 -6.50 1.34 -1.94
C VAL C 47 -5.02 1.66 -2.05
N MET C 48 -4.62 2.36 -3.11
CA MET C 48 -3.22 2.72 -3.31
C MET C 48 -2.70 3.68 -2.26
N LEU C 49 -3.58 4.57 -1.81
CA LEU C 49 -3.20 5.59 -0.83
C LEU C 49 -3.04 5.07 0.59
N GLN C 50 -3.48 3.84 0.84
CA GLN C 50 -3.35 3.27 2.19
C GLN C 50 -1.87 3.14 2.57
N GLN C 51 -1.47 3.84 3.63
CA GLN C 51 -0.08 3.82 4.09
C GLN C 51 0.94 4.18 3.00
N THR C 52 0.55 5.07 2.09
CA THR C 52 1.41 5.49 0.99
C THR C 52 1.07 6.94 0.69
N ARG C 53 2.09 7.77 0.49
CA ARG C 53 1.87 9.20 0.20
C ARG C 53 1.38 9.44 -1.23
N VAL C 54 0.62 10.52 -1.43
CA VAL C 54 0.10 10.88 -2.73
C VAL C 54 1.19 10.99 -3.81
N GLU C 55 2.29 11.68 -3.52
CA GLU C 55 3.37 11.83 -4.50
C GLU C 55 3.87 10.48 -5.02
N THR C 56 3.98 9.51 -4.14
CA THR C 56 4.44 8.18 -4.54
C THR C 56 3.41 7.50 -5.41
N VAL C 57 2.15 7.61 -4.99
CA VAL C 57 1.05 6.99 -5.71
C VAL C 57 0.71 7.55 -7.10
N ILE C 58 0.73 8.86 -7.27
CA ILE C 58 0.39 9.45 -8.57
C ILE C 58 0.88 8.66 -9.81
N PRO C 59 2.19 8.43 -9.95
CA PRO C 59 2.70 7.69 -11.12
C PRO C 59 2.11 6.28 -11.22
N TYR C 60 2.06 5.58 -10.09
CA TYR C 60 1.50 4.24 -10.06
C TYR C 60 0.04 4.24 -10.49
N PHE C 61 -0.70 5.29 -10.14
CA PHE C 61 -2.11 5.38 -10.50
C PHE C 61 -2.29 5.55 -12.00
N GLU C 62 -1.54 6.47 -12.59
CA GLU C 62 -1.63 6.73 -14.02
C GLU C 62 -1.36 5.44 -14.78
N GLN C 63 -0.27 4.79 -14.40
CA GLN C 63 0.15 3.54 -15.01
C GLN C 63 -0.87 2.43 -14.82
N PHE C 64 -1.35 2.27 -13.59
CA PHE C 64 -2.31 1.21 -13.27
C PHE C 64 -3.60 1.35 -14.05
N ILE C 65 -4.09 2.59 -14.19
CA ILE C 65 -5.32 2.82 -14.94
C ILE C 65 -5.11 2.69 -16.44
N ASP C 66 -3.96 3.16 -16.94
CA ASP C 66 -3.71 3.03 -18.37
C ASP C 66 -3.76 1.55 -18.70
N ARG C 67 -3.13 0.75 -17.85
CA ARG C 67 -3.08 -0.70 -18.05
C ARG C 67 -4.41 -1.41 -17.72
N PHE C 68 -5.16 -0.92 -16.74
CA PHE C 68 -6.44 -1.54 -16.37
C PHE C 68 -7.47 -0.41 -16.26
N PRO C 69 -7.95 0.08 -17.42
CA PRO C 69 -8.92 1.17 -17.60
C PRO C 69 -10.27 1.00 -16.90
N THR C 70 -10.72 -0.24 -16.79
CA THR C 70 -12.01 -0.55 -16.16
C THR C 70 -11.87 -1.70 -15.18
N LEU C 71 -12.91 -1.92 -14.41
CA LEU C 71 -12.94 -3.00 -13.43
C LEU C 71 -12.90 -4.34 -14.18
N GLU C 72 -13.58 -4.39 -15.32
CA GLU C 72 -13.61 -5.60 -16.14
C GLU C 72 -12.17 -5.95 -16.56
N ALA C 73 -11.44 -4.95 -17.04
CA ALA C 73 -10.06 -5.17 -17.46
C ALA C 73 -9.22 -5.69 -16.30
N LEU C 74 -9.43 -5.13 -15.11
CA LEU C 74 -8.70 -5.55 -13.92
C LEU C 74 -9.10 -6.98 -13.57
N ALA C 75 -10.40 -7.26 -13.61
CA ALA C 75 -10.89 -8.61 -13.31
C ALA C 75 -10.28 -9.65 -14.27
N ASP C 76 -10.37 -9.39 -15.57
CA ASP C 76 -9.83 -10.31 -16.57
C ASP C 76 -8.32 -10.39 -16.56
N ALA C 77 -7.67 -9.37 -16.01
CA ALA C 77 -6.22 -9.34 -15.98
C ALA C 77 -5.65 -10.51 -15.19
N ASP C 78 -4.51 -11.02 -15.64
CA ASP C 78 -3.88 -12.13 -14.95
C ASP C 78 -3.42 -11.59 -13.61
N GLU C 79 -2.95 -12.46 -12.73
CA GLU C 79 -2.50 -12.05 -11.41
C GLU C 79 -1.04 -11.58 -11.46
N ASP C 80 -0.25 -12.19 -12.33
CA ASP C 80 1.15 -11.81 -12.47
C ASP C 80 1.26 -10.37 -12.94
N GLU C 81 0.47 -10.03 -13.96
CA GLU C 81 0.51 -8.68 -14.50
C GLU C 81 0.09 -7.66 -13.45
N VAL C 82 -0.90 -8.02 -12.62
CA VAL C 82 -1.38 -7.12 -11.58
C VAL C 82 -0.29 -6.79 -10.56
N LEU C 83 0.43 -7.80 -10.10
CA LEU C 83 1.49 -7.58 -9.12
C LEU C 83 2.59 -6.71 -9.73
N LYS C 84 2.85 -6.89 -11.02
CA LYS C 84 3.88 -6.13 -11.70
C LYS C 84 3.55 -4.63 -11.73
N ALA C 85 2.27 -4.31 -11.89
CA ALA C 85 1.84 -2.92 -11.95
C ALA C 85 1.93 -2.26 -10.56
N TRP C 86 1.97 -3.11 -9.52
CA TRP C 86 2.04 -2.65 -8.14
C TRP C 86 3.49 -2.71 -7.64
N GLU C 87 4.40 -3.24 -8.44
CA GLU C 87 5.80 -3.40 -8.05
C GLU C 87 6.48 -2.16 -7.46
N GLY C 88 6.91 -2.28 -6.21
CA GLY C 88 7.59 -1.17 -5.56
C GLY C 88 6.70 -0.32 -4.68
N LEU C 89 5.40 -0.56 -4.74
CA LEU C 89 4.43 0.20 -3.94
C LEU C 89 4.36 -0.28 -2.49
N GLY C 90 4.57 -1.57 -2.25
CA GLY C 90 4.54 -2.10 -0.89
C GLY C 90 3.19 -2.69 -0.49
N TYR C 91 3.15 -3.38 0.65
CA TYR C 91 1.91 -3.99 1.14
C TYR C 91 1.14 -4.57 -0.03
N TYR C 92 1.81 -5.44 -0.76
CA TYR C 92 1.26 -6.05 -1.98
C TYR C 92 -0.07 -6.80 -1.82
N SER C 93 -0.36 -7.25 -0.61
CA SER C 93 -1.59 -7.95 -0.36
C SER C 93 -2.79 -7.04 -0.70
N ARG C 94 -2.55 -5.73 -0.73
CA ARG C 94 -3.61 -4.78 -1.07
C ARG C 94 -4.12 -5.03 -2.48
N VAL C 95 -3.21 -5.28 -3.40
CA VAL C 95 -3.61 -5.50 -4.78
C VAL C 95 -4.14 -6.92 -4.99
N ARG C 96 -3.64 -7.86 -4.21
CA ARG C 96 -4.13 -9.22 -4.32
C ARG C 96 -5.60 -9.22 -3.90
N ASN C 97 -5.91 -8.48 -2.84
CA ASN C 97 -7.28 -8.38 -2.36
C ASN C 97 -8.15 -7.61 -3.37
N LEU C 98 -7.67 -6.46 -3.84
CA LEU C 98 -8.43 -5.67 -4.81
C LEU C 98 -8.76 -6.47 -6.08
N HIS C 99 -7.79 -7.26 -6.55
CA HIS C 99 -7.97 -8.09 -7.74
C HIS C 99 -9.09 -9.11 -7.52
N ALA C 100 -9.13 -9.67 -6.32
CA ALA C 100 -10.15 -10.65 -5.95
C ALA C 100 -11.51 -9.97 -5.83
N ALA C 101 -11.53 -8.83 -5.14
CA ALA C 101 -12.76 -8.07 -4.95
C ALA C 101 -13.39 -7.66 -6.29
N VAL C 102 -12.54 -7.29 -7.24
CA VAL C 102 -13.00 -6.87 -8.56
C VAL C 102 -13.55 -8.07 -9.34
N LYS C 103 -12.79 -9.16 -9.34
CA LYS C 103 -13.20 -10.40 -10.02
C LYS C 103 -14.55 -10.79 -9.46
N GLU C 104 -14.81 -10.40 -8.22
CA GLU C 104 -16.07 -10.71 -7.58
C GLU C 104 -17.17 -9.77 -8.03
N VAL C 105 -16.88 -8.49 -8.10
CA VAL C 105 -17.87 -7.50 -8.52
C VAL C 105 -18.44 -7.79 -9.89
N LYS C 106 -17.63 -8.33 -10.79
CA LYS C 106 -18.10 -8.62 -12.13
C LYS C 106 -18.83 -9.96 -12.22
N THR C 107 -18.31 -10.98 -11.53
CA THR C 107 -18.95 -12.29 -11.58
C THR C 107 -20.22 -12.34 -10.74
N ARG C 108 -20.23 -11.65 -9.60
CA ARG C 108 -21.40 -11.66 -8.73
C ARG C 108 -22.34 -10.47 -8.86
N TYR C 109 -21.79 -9.29 -9.15
CA TYR C 109 -22.62 -8.08 -9.26
C TYR C 109 -22.69 -7.45 -10.65
N GLY C 110 -22.36 -8.24 -11.67
CA GLY C 110 -22.41 -7.74 -13.03
C GLY C 110 -21.54 -6.53 -13.28
N GLY C 111 -20.28 -6.61 -12.86
CA GLY C 111 -19.34 -5.51 -13.07
C GLY C 111 -19.79 -4.19 -12.49
N LYS C 112 -20.74 -4.22 -11.57
CA LYS C 112 -21.22 -3.00 -10.96
C LYS C 112 -20.75 -2.99 -9.51
N VAL C 113 -20.17 -1.88 -9.07
CA VAL C 113 -19.68 -1.80 -7.69
C VAL C 113 -20.86 -1.62 -6.75
N PRO C 114 -21.07 -2.58 -5.84
CA PRO C 114 -22.18 -2.49 -4.88
C PRO C 114 -22.19 -1.14 -4.21
N ASP C 115 -23.36 -0.50 -4.15
CA ASP C 115 -23.49 0.81 -3.51
C ASP C 115 -24.06 0.69 -2.10
N ASP C 116 -24.18 -0.54 -1.62
CA ASP C 116 -24.68 -0.79 -0.28
C ASP C 116 -23.51 -1.15 0.63
N PRO C 117 -23.30 -0.35 1.69
CA PRO C 117 -22.20 -0.56 2.64
C PRO C 117 -22.01 -2.02 3.00
N ASP C 118 -23.11 -2.67 3.35
CA ASP C 118 -23.07 -4.07 3.74
C ASP C 118 -22.55 -4.97 2.64
N GLU C 119 -22.97 -4.73 1.41
CA GLU C 119 -22.51 -5.54 0.28
C GLU C 119 -21.05 -5.25 -0.04
N PHE C 120 -20.75 -3.96 -0.23
CA PHE C 120 -19.40 -3.52 -0.59
C PHE C 120 -18.40 -3.92 0.50
N SER C 121 -18.84 -3.87 1.75
CA SER C 121 -17.96 -4.21 2.84
C SER C 121 -17.55 -5.68 2.89
N ARG C 122 -18.24 -6.55 2.16
CA ARG C 122 -17.88 -7.95 2.19
C ARG C 122 -16.71 -8.26 1.27
N LEU C 123 -16.46 -7.38 0.31
CA LEU C 123 -15.36 -7.59 -0.63
C LEU C 123 -14.01 -7.58 0.09
N LYS C 124 -13.06 -8.36 -0.44
CA LYS C 124 -11.74 -8.44 0.15
C LYS C 124 -11.01 -7.09 0.11
N GLY C 125 -10.31 -6.77 1.20
CA GLY C 125 -9.56 -5.53 1.28
C GLY C 125 -10.36 -4.28 1.60
N VAL C 126 -11.67 -4.42 1.67
CA VAL C 126 -12.55 -3.29 1.95
C VAL C 126 -12.81 -3.23 3.45
N GLY C 127 -12.29 -2.21 4.12
CA GLY C 127 -12.51 -2.09 5.55
C GLY C 127 -13.39 -0.90 5.87
N PRO C 128 -13.64 -0.63 7.16
CA PRO C 128 -14.48 0.52 7.54
C PRO C 128 -14.17 1.81 6.80
N TYR C 129 -12.89 2.14 6.69
CA TYR C 129 -12.51 3.35 5.99
C TYR C 129 -12.83 3.31 4.49
N THR C 130 -12.41 2.23 3.82
CA THR C 130 -12.64 2.09 2.38
C THR C 130 -14.12 2.05 2.00
N VAL C 131 -14.94 1.45 2.87
CA VAL C 131 -16.37 1.39 2.62
C VAL C 131 -16.87 2.83 2.55
N GLY C 132 -16.50 3.61 3.55
CA GLY C 132 -16.92 4.99 3.61
C GLY C 132 -16.34 5.88 2.52
N ALA C 133 -15.06 5.73 2.25
CA ALA C 133 -14.40 6.54 1.24
C ALA C 133 -15.03 6.36 -0.14
N VAL C 134 -15.04 5.12 -0.62
CA VAL C 134 -15.59 4.84 -1.93
C VAL C 134 -17.07 5.14 -2.10
N LEU C 135 -17.91 4.63 -1.21
CA LEU C 135 -19.34 4.86 -1.31
C LEU C 135 -19.77 6.31 -1.13
N SER C 136 -19.09 7.05 -0.27
CA SER C 136 -19.46 8.45 -0.08
C SER C 136 -18.98 9.31 -1.25
N LEU C 137 -17.73 9.14 -1.65
CA LEU C 137 -17.18 9.93 -2.75
C LEU C 137 -17.80 9.57 -4.10
N ALA C 138 -18.04 8.29 -4.32
CA ALA C 138 -18.60 7.84 -5.60
C ALA C 138 -20.13 7.77 -5.67
N TYR C 139 -20.76 7.27 -4.61
CA TYR C 139 -22.22 7.14 -4.59
C TYR C 139 -22.96 8.10 -3.69
N GLY C 140 -22.25 8.81 -2.82
CA GLY C 140 -22.90 9.76 -1.93
C GLY C 140 -23.50 9.15 -0.67
N VAL C 141 -23.16 7.89 -0.39
CA VAL C 141 -23.67 7.21 0.79
C VAL C 141 -23.10 7.90 2.03
N PRO C 142 -23.98 8.32 2.96
CA PRO C 142 -23.64 9.02 4.21
C PRO C 142 -22.81 8.25 5.24
N GLU C 143 -21.84 7.44 4.78
CA GLU C 143 -21.01 6.70 5.73
C GLU C 143 -19.68 7.39 5.98
N PRO C 144 -19.18 7.34 7.22
CA PRO C 144 -17.91 7.95 7.64
C PRO C 144 -16.68 7.38 6.93
N ALA C 145 -15.67 8.21 6.76
CA ALA C 145 -14.44 7.80 6.10
C ALA C 145 -13.29 8.20 7.02
N VAL C 146 -13.15 7.48 8.12
CA VAL C 146 -12.12 7.77 9.10
C VAL C 146 -10.81 7.03 8.90
N ASN C 147 -9.76 7.80 8.60
CA ASN C 147 -8.44 7.25 8.39
C ASN C 147 -7.49 8.00 9.31
N GLY C 148 -6.20 7.80 9.13
CA GLY C 148 -5.21 8.47 9.97
C GLY C 148 -5.33 9.98 9.97
N ASN C 149 -5.41 10.57 8.78
CA ASN C 149 -5.53 12.01 8.64
C ASN C 149 -6.75 12.52 9.40
N VAL C 150 -7.88 11.86 9.18
CA VAL C 150 -9.13 12.24 9.83
C VAL C 150 -9.05 12.14 11.36
N MET C 151 -8.51 11.04 11.86
CA MET C 151 -8.40 10.90 13.29
C MET C 151 -7.53 12.01 13.89
N ARG C 152 -6.50 12.42 13.16
CA ARG C 152 -5.64 13.49 13.66
C ARG C 152 -6.44 14.80 13.72
N VAL C 153 -7.24 15.05 12.70
CA VAL C 153 -8.04 16.25 12.66
C VAL C 153 -9.12 16.25 13.73
N LEU C 154 -9.86 15.16 13.81
CA LEU C 154 -10.94 15.05 14.79
C LEU C 154 -10.43 15.01 16.22
N SER C 155 -9.27 14.40 16.45
CA SER C 155 -8.75 14.33 17.81
C SER C 155 -8.38 15.73 18.27
N ARG C 156 -8.05 16.61 17.32
CA ARG C 156 -7.68 17.98 17.66
C ARG C 156 -8.91 18.86 17.79
N LEU C 157 -9.79 18.82 16.79
CA LEU C 157 -11.00 19.62 16.85
C LEU C 157 -11.74 19.37 18.14
N PHE C 158 -11.99 18.10 18.44
CA PHE C 158 -12.71 17.71 19.65
C PHE C 158 -11.82 17.35 20.83
N LEU C 159 -10.53 17.62 20.69
CA LEU C 159 -9.58 17.37 21.77
C LEU C 159 -9.68 15.96 22.38
N VAL C 160 -9.86 14.94 21.55
CA VAL C 160 -9.95 13.57 22.05
C VAL C 160 -8.56 12.97 22.27
N THR C 161 -8.31 12.48 23.48
CA THR C 161 -7.03 11.92 23.82
C THR C 161 -6.93 10.39 23.78
N ASP C 162 -8.00 9.73 23.34
CA ASP C 162 -7.95 8.27 23.26
C ASP C 162 -6.90 7.83 22.24
N ASP C 163 -6.29 6.68 22.51
CA ASP C 163 -5.26 6.15 21.61
C ASP C 163 -5.91 5.85 20.27
N ILE C 164 -5.58 6.61 19.25
CA ILE C 164 -6.14 6.40 17.92
C ILE C 164 -5.80 5.04 17.34
N ALA C 165 -4.91 4.31 18.01
CA ALA C 165 -4.50 2.98 17.53
C ALA C 165 -5.58 1.97 17.88
N LYS C 166 -6.36 2.26 18.92
CA LYS C 166 -7.43 1.37 19.35
C LYS C 166 -8.62 1.41 18.37
N PRO C 167 -9.07 0.25 17.91
CA PRO C 167 -10.21 0.25 16.97
C PRO C 167 -11.35 1.03 17.62
N SER C 168 -11.48 0.86 18.93
CA SER C 168 -12.52 1.55 19.70
C SER C 168 -12.48 3.05 19.40
N THR C 169 -11.28 3.63 19.44
CA THR C 169 -11.10 5.05 19.19
C THR C 169 -11.66 5.40 17.81
N ARG C 170 -11.30 4.59 16.83
CA ARG C 170 -11.78 4.80 15.47
C ARG C 170 -13.30 4.86 15.49
N LYS C 171 -13.90 3.86 16.14
CA LYS C 171 -15.36 3.78 16.25
C LYS C 171 -15.94 5.06 16.84
N ARG C 172 -15.29 5.58 17.88
CA ARG C 172 -15.77 6.81 18.51
C ARG C 172 -15.76 7.93 17.46
N PHE C 173 -14.66 8.02 16.72
CA PHE C 173 -14.52 9.04 15.69
C PHE C 173 -15.56 8.88 14.59
N GLU C 174 -15.89 7.63 14.25
CA GLU C 174 -16.89 7.38 13.23
C GLU C 174 -18.23 7.91 13.69
N GLN C 175 -18.46 7.84 15.00
CA GLN C 175 -19.69 8.33 15.61
C GLN C 175 -19.71 9.85 15.53
N ILE C 176 -18.55 10.47 15.77
CA ILE C 176 -18.44 11.92 15.71
C ILE C 176 -18.72 12.46 14.31
N VAL C 177 -18.31 11.70 13.29
CA VAL C 177 -18.52 12.12 11.91
C VAL C 177 -20.00 12.06 11.56
N ARG C 178 -20.65 10.97 11.97
CA ARG C 178 -22.07 10.81 11.69
C ARG C 178 -22.89 11.97 12.25
N GLU C 179 -22.40 12.59 13.33
CA GLU C 179 -23.13 13.68 13.96
C GLU C 179 -22.74 15.06 13.46
N ILE C 180 -21.81 15.15 12.52
CA ILE C 180 -21.42 16.47 12.03
C ILE C 180 -21.21 16.57 10.53
N MET C 181 -21.28 15.44 9.84
CA MET C 181 -21.06 15.45 8.40
C MET C 181 -22.21 16.13 7.66
N ALA C 182 -21.90 16.72 6.52
CA ALA C 182 -22.90 17.38 5.70
C ALA C 182 -23.66 16.33 4.94
N TYR C 183 -24.66 15.73 5.59
CA TYR C 183 -25.47 14.69 4.96
C TYR C 183 -25.96 15.10 3.57
N GLU C 184 -25.82 16.39 3.27
CA GLU C 184 -26.22 16.91 1.96
C GLU C 184 -25.20 16.40 0.94
N ASN C 185 -23.92 16.65 1.23
CA ASN C 185 -22.82 16.26 0.38
C ASN C 185 -21.76 15.53 1.22
N PRO C 186 -22.03 14.26 1.57
CA PRO C 186 -21.11 13.47 2.38
C PRO C 186 -19.76 13.26 1.70
N GLY C 187 -19.82 12.94 0.40
CA GLY C 187 -18.60 12.72 -0.35
C GLY C 187 -17.64 13.88 -0.25
N ALA C 188 -18.13 15.08 -0.51
CA ALA C 188 -17.28 16.25 -0.44
C ALA C 188 -16.85 16.53 0.99
N PHE C 189 -17.73 16.20 1.92
CA PHE C 189 -17.43 16.43 3.33
C PHE C 189 -16.31 15.51 3.80
N ASN C 190 -16.33 14.28 3.34
CA ASN C 190 -15.30 13.31 3.73
C ASN C 190 -13.94 13.66 3.13
N GLU C 191 -13.91 14.09 1.87
CA GLU C 191 -12.63 14.45 1.27
C GLU C 191 -12.04 15.69 1.90
N ALA C 192 -12.89 16.68 2.17
CA ALA C 192 -12.45 17.93 2.79
C ALA C 192 -11.71 17.63 4.08
N LEU C 193 -12.30 16.79 4.92
CA LEU C 193 -11.72 16.41 6.17
C LEU C 193 -10.32 15.80 5.95
N ILE C 194 -10.20 14.97 4.91
CA ILE C 194 -8.93 14.32 4.60
C ILE C 194 -7.91 15.30 4.04
N GLU C 195 -8.32 16.15 3.10
CA GLU C 195 -7.41 17.15 2.53
C GLU C 195 -6.89 18.01 3.66
N LEU C 196 -7.79 18.46 4.53
CA LEU C 196 -7.42 19.33 5.65
C LEU C 196 -6.27 18.69 6.41
N GLY C 197 -6.45 17.42 6.75
CA GLY C 197 -5.41 16.72 7.47
C GLY C 197 -4.14 16.54 6.64
N ALA C 198 -4.30 16.50 5.32
CA ALA C 198 -3.14 16.34 4.45
C ALA C 198 -2.40 17.65 4.19
N LEU C 199 -3.14 18.75 4.08
CA LEU C 199 -2.54 20.05 3.79
C LEU C 199 -2.37 21.01 4.98
N VAL C 200 -3.40 21.15 5.80
CA VAL C 200 -3.36 22.07 6.94
C VAL C 200 -2.97 21.42 8.28
N CYS C 201 -3.90 20.64 8.83
CA CYS C 201 -3.71 19.95 10.11
C CYS C 201 -2.76 18.79 9.99
N THR C 202 -1.51 19.10 9.66
CA THR C 202 -0.45 18.12 9.47
C THR C 202 0.03 17.52 10.78
N PRO C 203 0.71 16.36 10.71
CA PRO C 203 1.20 15.73 11.93
C PRO C 203 2.02 16.72 12.74
N ARG C 204 3.06 17.27 12.12
CA ARG C 204 3.93 18.25 12.77
C ARG C 204 3.61 19.65 12.28
N ARG C 205 3.84 20.62 13.14
CA ARG C 205 3.60 22.03 12.85
C ARG C 205 2.29 22.30 12.12
N PRO C 206 1.16 21.97 12.74
CA PRO C 206 -0.11 22.24 12.05
C PRO C 206 -0.26 23.75 11.81
N SER C 207 -0.72 24.12 10.62
CA SER C 207 -0.87 25.53 10.29
C SER C 207 -2.23 26.04 10.74
N CYS C 208 -2.41 26.03 12.06
CA CYS C 208 -3.66 26.46 12.68
C CYS C 208 -4.05 27.90 12.33
N LEU C 209 -3.06 28.78 12.20
CA LEU C 209 -3.35 30.16 11.86
C LEU C 209 -4.08 30.28 10.52
N LEU C 210 -3.73 29.43 9.56
CA LEU C 210 -4.36 29.46 8.25
C LEU C 210 -5.56 28.51 8.14
N CYS C 211 -5.72 27.61 9.10
CA CYS C 211 -6.82 26.65 9.06
C CYS C 211 -8.22 27.28 9.04
N PRO C 212 -9.11 26.76 8.18
CA PRO C 212 -10.49 27.23 8.03
C PRO C 212 -11.46 26.77 9.12
N VAL C 213 -10.97 26.05 10.13
CA VAL C 213 -11.86 25.60 11.19
C VAL C 213 -11.25 25.79 12.56
N GLN C 214 -10.32 26.73 12.64
CA GLN C 214 -9.66 27.06 13.89
C GLN C 214 -10.71 27.47 14.90
N ALA C 215 -11.68 28.24 14.43
CA ALA C 215 -12.76 28.71 15.26
C ALA C 215 -13.36 27.59 16.11
N TYR C 216 -13.50 26.41 15.54
CA TYR C 216 -14.09 25.28 16.25
C TYR C 216 -13.09 24.35 16.93
N CYS C 217 -11.79 24.59 16.75
CA CYS C 217 -10.80 23.70 17.34
C CYS C 217 -10.38 23.91 18.80
N GLN C 218 -10.75 22.93 19.64
CA GLN C 218 -10.43 22.97 21.06
C GLN C 218 -8.94 22.84 21.35
N ALA C 219 -8.24 22.02 20.57
CA ALA C 219 -6.81 21.81 20.77
C ALA C 219 -6.08 23.14 20.54
N PHE C 220 -6.56 23.91 19.58
CA PHE C 220 -5.97 25.21 19.29
C PHE C 220 -6.20 26.13 20.48
N ALA C 221 -7.45 26.21 20.92
CA ALA C 221 -7.81 27.04 22.07
C ALA C 221 -6.92 26.71 23.27
N GLU C 222 -6.64 25.42 23.45
CA GLU C 222 -5.82 24.98 24.58
C GLU C 222 -4.31 25.01 24.31
N GLY C 223 -3.92 25.15 23.05
CA GLY C 223 -2.51 25.18 22.70
C GLY C 223 -1.83 23.82 22.71
N VAL C 224 -2.61 22.76 22.48
CA VAL C 224 -2.05 21.41 22.49
C VAL C 224 -2.09 20.68 21.15
N ALA C 225 -2.42 21.40 20.09
CA ALA C 225 -2.52 20.84 18.75
C ALA C 225 -1.39 19.88 18.36
N GLU C 226 -0.15 20.29 18.62
CA GLU C 226 1.03 19.49 18.27
C GLU C 226 1.19 18.22 19.11
N GLU C 227 0.50 18.16 20.24
CA GLU C 227 0.60 16.99 21.11
C GLU C 227 -0.39 15.90 20.73
N LEU C 228 -1.34 16.24 19.88
CA LEU C 228 -2.35 15.30 19.42
C LEU C 228 -2.03 14.83 17.99
N PRO C 229 -2.46 13.62 17.62
CA PRO C 229 -3.22 12.68 18.46
C PRO C 229 -2.32 11.79 19.31
N VAL C 230 -2.94 11.04 20.21
CA VAL C 230 -2.19 10.14 21.09
C VAL C 230 -2.06 8.77 20.43
N LYS C 231 -0.87 8.18 20.51
CA LYS C 231 -0.62 6.86 19.92
C LYS C 231 0.62 6.15 20.48
N MET C 232 0.57 4.82 20.53
CA MET C 232 1.67 4.02 21.04
C MET C 232 2.95 4.22 20.24
N LYS C 233 3.91 3.30 20.40
CA LYS C 233 5.18 3.39 19.69
C LYS C 233 5.85 2.02 19.60
N VAL C 237 12.16 -3.48 15.80
CA VAL C 237 11.59 -4.69 15.24
C VAL C 237 12.61 -5.82 15.13
N LYS C 238 12.16 -6.98 14.67
CA LYS C 238 13.01 -8.15 14.52
C LYS C 238 14.02 -7.97 13.38
N GLN C 239 15.29 -8.25 13.66
CA GLN C 239 16.35 -8.15 12.65
C GLN C 239 16.46 -9.54 12.03
N VAL C 240 16.58 -9.61 10.70
CA VAL C 240 16.66 -10.90 10.03
C VAL C 240 17.73 -11.02 8.94
N PRO C 241 18.76 -11.84 9.19
CA PRO C 241 19.84 -12.06 8.23
C PRO C 241 19.31 -12.87 7.05
N LEU C 242 19.55 -12.42 5.83
CA LEU C 242 19.07 -13.14 4.65
C LEU C 242 20.19 -13.33 3.62
N ALA C 243 20.42 -14.58 3.25
CA ALA C 243 21.45 -14.89 2.26
C ALA C 243 20.76 -15.11 0.92
N VAL C 244 21.20 -14.37 -0.09
CA VAL C 244 20.59 -14.46 -1.41
C VAL C 244 21.57 -14.91 -2.48
N ALA C 245 21.11 -15.79 -3.36
CA ALA C 245 21.95 -16.34 -4.43
C ALA C 245 21.51 -15.95 -5.84
N VAL C 246 22.43 -15.37 -6.60
CA VAL C 246 22.17 -14.98 -7.98
C VAL C 246 22.86 -15.99 -8.91
N LEU C 247 22.11 -17.00 -9.33
CA LEU C 247 22.65 -18.04 -10.22
C LEU C 247 22.48 -17.71 -11.70
N ALA C 248 23.59 -17.74 -12.42
CA ALA C 248 23.58 -17.46 -13.86
C ALA C 248 24.01 -18.68 -14.67
N ASP C 249 23.34 -18.89 -15.80
CA ASP C 249 23.66 -20.01 -16.68
C ASP C 249 24.95 -19.74 -17.42
N ASP C 250 25.34 -20.67 -18.28
CA ASP C 250 26.56 -20.51 -19.07
C ASP C 250 26.29 -19.39 -20.07
N GLU C 251 26.26 -18.17 -19.55
CA GLU C 251 26.01 -17.00 -20.37
C GLU C 251 24.52 -16.86 -20.68
N GLY C 252 23.78 -16.25 -19.76
CA GLY C 252 22.36 -16.07 -19.99
C GLY C 252 21.46 -16.10 -18.77
N ARG C 253 20.42 -16.92 -18.86
CA ARG C 253 19.41 -17.09 -17.84
C ARG C 253 19.93 -17.13 -16.39
N VAL C 254 19.09 -16.68 -15.47
CA VAL C 254 19.38 -16.67 -14.04
C VAL C 254 18.20 -17.36 -13.34
N LEU C 255 18.43 -17.89 -12.13
CA LEU C 255 17.37 -18.60 -11.41
C LEU C 255 16.58 -17.76 -10.42
N ILE C 256 15.26 -17.88 -10.51
CA ILE C 256 14.34 -17.17 -9.63
C ILE C 256 13.22 -18.11 -9.21
N ARG C 257 12.40 -17.67 -8.27
CA ARG C 257 11.28 -18.47 -7.79
C ARG C 257 10.15 -17.56 -7.33
N LYS C 258 8.92 -18.06 -7.41
CA LYS C 258 7.74 -17.31 -6.99
C LYS C 258 7.49 -17.62 -5.53
N ARG C 259 7.55 -16.59 -4.67
CA ARG C 259 7.31 -16.75 -3.24
C ARG C 259 5.96 -17.38 -2.93
N ASP C 260 5.84 -17.92 -1.73
CA ASP C 260 4.61 -18.54 -1.28
C ASP C 260 3.45 -17.55 -1.40
N SER C 261 2.24 -18.06 -1.61
CA SER C 261 1.04 -17.22 -1.75
C SER C 261 0.52 -16.66 -0.43
N THR C 262 1.19 -16.99 0.66
CA THR C 262 0.75 -16.50 1.96
C THR C 262 1.93 -16.03 2.80
N GLY C 263 1.72 -14.91 3.51
CA GLY C 263 2.80 -14.39 4.34
C GLY C 263 3.55 -13.26 3.66
N LEU C 264 4.80 -13.08 4.05
CA LEU C 264 5.63 -12.02 3.52
C LEU C 264 5.78 -12.01 2.00
N LEU C 265 5.69 -10.80 1.43
CA LEU C 265 5.81 -10.58 -0.02
C LEU C 265 5.16 -11.70 -0.81
N ALA C 266 3.97 -12.11 -0.39
CA ALA C 266 3.23 -13.18 -1.03
C ALA C 266 3.07 -13.07 -2.56
N ASN C 267 3.38 -14.17 -3.24
CA ASN C 267 3.30 -14.29 -4.69
C ASN C 267 4.28 -13.47 -5.52
N LEU C 268 5.23 -12.80 -4.87
CA LEU C 268 6.20 -12.03 -5.63
C LEU C 268 7.42 -12.88 -5.95
N TRP C 269 8.13 -12.52 -7.02
CA TRP C 269 9.32 -13.26 -7.42
C TRP C 269 10.55 -12.79 -6.68
N GLU C 270 11.56 -13.64 -6.61
CA GLU C 270 12.77 -13.29 -5.88
C GLU C 270 13.91 -14.22 -6.26
N PHE C 271 15.10 -13.82 -5.88
CA PHE C 271 16.28 -14.63 -6.11
C PHE C 271 16.30 -15.61 -4.94
N PRO C 272 16.54 -16.89 -5.22
CA PRO C 272 16.57 -17.92 -4.17
C PRO C 272 17.34 -17.44 -2.95
N SER C 273 16.72 -17.60 -1.78
CA SER C 273 17.34 -17.16 -0.54
C SER C 273 16.89 -18.01 0.65
N CYS C 274 17.46 -17.75 1.81
CA CYS C 274 17.12 -18.50 3.01
C CYS C 274 17.34 -17.61 4.23
N GLU C 275 16.53 -17.84 5.26
CA GLU C 275 16.65 -17.09 6.49
C GLU C 275 17.60 -17.86 7.39
N THR C 276 18.90 -17.57 7.27
CA THR C 276 19.92 -18.24 8.06
C THR C 276 19.61 -18.19 9.56
N ASP C 277 18.97 -17.12 10.01
CA ASP C 277 18.62 -16.95 11.42
C ASP C 277 19.88 -17.17 12.25
N GLY C 278 21.03 -17.02 11.61
CA GLY C 278 22.30 -17.20 12.28
C GLY C 278 23.44 -16.94 11.32
N ALA C 279 24.37 -17.90 11.22
CA ALA C 279 25.53 -17.75 10.35
C ALA C 279 25.77 -18.89 9.36
N ASP C 280 24.70 -19.54 8.90
CA ASP C 280 24.83 -20.64 7.95
C ASP C 280 25.71 -20.21 6.79
N GLY C 281 25.31 -19.13 6.11
CA GLY C 281 26.07 -18.61 5.00
C GLY C 281 25.86 -19.33 3.67
N LYS C 282 26.94 -19.45 2.91
CA LYS C 282 26.91 -20.12 1.61
C LYS C 282 26.48 -21.57 1.76
N GLU C 283 26.70 -22.15 2.93
CA GLU C 283 26.31 -23.52 3.18
C GLU C 283 24.79 -23.61 3.11
N LYS C 284 24.13 -22.69 3.81
CA LYS C 284 22.67 -22.64 3.84
C LYS C 284 22.08 -22.61 2.43
N LEU C 285 22.62 -21.73 1.58
CA LEU C 285 22.16 -21.59 0.20
C LEU C 285 22.53 -22.78 -0.67
N GLU C 286 23.80 -23.19 -0.61
CA GLU C 286 24.26 -24.34 -1.39
C GLU C 286 23.40 -25.56 -1.08
N GLN C 287 22.90 -25.62 0.15
CA GLN C 287 22.05 -26.72 0.59
C GLN C 287 20.66 -26.63 -0.05
N MET C 288 19.98 -25.51 0.20
CA MET C 288 18.64 -25.27 -0.32
C MET C 288 18.48 -25.70 -1.78
N VAL C 289 19.59 -25.72 -2.50
CA VAL C 289 19.60 -26.12 -3.90
C VAL C 289 18.90 -27.46 -4.11
N GLY C 290 19.13 -28.40 -3.18
CA GLY C 290 18.51 -29.70 -3.28
C GLY C 290 17.05 -29.70 -2.87
N LEU C 295 20.08 -30.56 -10.46
CA LEU C 295 20.77 -29.36 -10.89
C LEU C 295 21.42 -28.63 -9.72
N GLN C 296 22.50 -29.19 -9.20
CA GLN C 296 23.22 -28.60 -8.07
C GLN C 296 24.11 -27.44 -8.50
N VAL C 297 24.89 -26.91 -7.56
CA VAL C 297 25.78 -25.79 -7.84
C VAL C 297 26.58 -25.38 -6.61
N GLU C 298 27.46 -24.40 -6.79
CA GLU C 298 28.30 -23.89 -5.71
C GLU C 298 28.38 -22.37 -5.79
N LEU C 299 28.47 -21.71 -4.64
CA LEU C 299 28.53 -20.25 -4.58
C LEU C 299 29.92 -19.74 -4.24
N THR C 300 30.24 -18.57 -4.76
CA THR C 300 31.53 -17.94 -4.51
C THR C 300 31.41 -17.01 -3.30
N GLU C 301 32.43 -16.19 -3.07
CA GLU C 301 32.43 -15.25 -1.95
C GLU C 301 31.35 -14.19 -2.15
N PRO C 302 30.84 -13.62 -1.05
CA PRO C 302 29.80 -12.58 -1.08
C PRO C 302 30.08 -11.49 -2.09
N ILE C 303 29.06 -10.73 -2.46
CA ILE C 303 29.19 -9.64 -3.41
C ILE C 303 28.98 -8.30 -2.70
N VAL C 304 28.12 -8.33 -1.68
CA VAL C 304 27.80 -7.15 -0.90
C VAL C 304 26.71 -7.51 0.11
N SER C 305 26.65 -6.75 1.21
CA SER C 305 25.65 -6.96 2.25
C SER C 305 24.99 -5.63 2.59
N PHE C 306 23.65 -5.61 2.60
CA PHE C 306 22.92 -4.39 2.92
C PHE C 306 21.64 -4.69 3.67
N GLU C 307 20.99 -3.65 4.18
CA GLU C 307 19.75 -3.80 4.92
C GLU C 307 18.52 -3.32 4.16
N HIS C 308 17.38 -3.89 4.48
CA HIS C 308 16.11 -3.54 3.87
C HIS C 308 15.04 -3.64 4.95
N ALA C 309 14.38 -2.53 5.22
CA ALA C 309 13.36 -2.51 6.27
C ALA C 309 11.93 -2.69 5.81
N PHE C 310 11.16 -3.34 6.68
CA PHE C 310 9.74 -3.57 6.50
C PHE C 310 9.17 -2.86 7.71
N SER C 311 7.85 -2.91 7.87
CA SER C 311 7.23 -2.25 9.02
C SER C 311 7.54 -2.98 10.31
N HIS C 312 7.59 -4.31 10.24
CA HIS C 312 7.81 -5.14 11.42
C HIS C 312 9.12 -5.94 11.46
N LEU C 313 10.04 -5.67 10.54
CA LEU C 313 11.30 -6.41 10.53
C LEU C 313 12.31 -5.81 9.56
N VAL C 314 13.58 -6.21 9.71
CA VAL C 314 14.65 -5.71 8.86
C VAL C 314 15.47 -6.85 8.27
N TRP C 315 15.66 -6.83 6.96
CA TRP C 315 16.46 -7.84 6.30
C TRP C 315 17.89 -7.37 6.14
N GLN C 316 18.82 -8.16 6.66
CA GLN C 316 20.23 -7.86 6.53
C GLN C 316 20.64 -8.84 5.43
N LEU C 317 20.59 -8.36 4.20
CA LEU C 317 20.90 -9.17 3.04
C LEU C 317 22.38 -9.35 2.73
N THR C 318 22.69 -10.49 2.13
CA THR C 318 24.05 -10.84 1.74
C THR C 318 23.93 -11.58 0.41
N VAL C 319 24.43 -10.96 -0.66
CA VAL C 319 24.38 -11.55 -1.99
C VAL C 319 25.57 -12.43 -2.29
N PHE C 320 25.30 -13.65 -2.77
CA PHE C 320 26.31 -14.63 -3.11
C PHE C 320 26.28 -14.99 -4.59
N PRO C 321 27.32 -14.63 -5.36
CA PRO C 321 27.36 -14.95 -6.79
C PRO C 321 27.40 -16.47 -7.00
N GLY C 322 27.06 -16.94 -8.19
CA GLY C 322 27.08 -18.37 -8.45
C GLY C 322 26.79 -18.79 -9.89
N ARG C 323 27.27 -19.98 -10.25
CA ARG C 323 27.08 -20.53 -11.60
C ARG C 323 26.21 -21.77 -11.58
N LEU C 324 25.22 -21.80 -12.47
CA LEU C 324 24.30 -22.94 -12.56
C LEU C 324 24.71 -23.95 -13.63
N VAL C 325 24.45 -25.22 -13.34
CA VAL C 325 24.75 -26.31 -14.27
C VAL C 325 23.51 -27.20 -14.36
N HIS C 326 22.88 -27.22 -15.51
CA HIS C 326 21.67 -28.01 -15.72
C HIS C 326 21.85 -29.52 -15.70
N GLY C 327 21.22 -30.14 -14.71
CA GLY C 327 21.28 -31.58 -14.56
C GLY C 327 19.86 -32.09 -14.45
N GLY C 328 18.90 -31.19 -14.60
CA GLY C 328 17.50 -31.55 -14.53
C GLY C 328 16.57 -30.42 -14.91
N PRO C 329 15.24 -30.66 -14.89
CA PRO C 329 14.26 -29.64 -15.26
C PRO C 329 14.03 -28.61 -14.14
N VAL C 330 13.65 -27.40 -14.51
CA VAL C 330 13.38 -26.36 -13.53
C VAL C 330 11.90 -26.47 -13.14
N GLU C 331 11.64 -27.01 -11.96
CA GLU C 331 10.26 -27.20 -11.50
C GLU C 331 9.96 -26.45 -10.21
N GLU C 332 9.05 -27.02 -9.42
CA GLU C 332 8.63 -26.44 -8.15
C GLU C 332 8.24 -24.98 -8.38
N PRO C 333 8.65 -24.10 -7.46
CA PRO C 333 8.35 -22.66 -7.54
C PRO C 333 9.30 -22.00 -8.55
N TYR C 334 10.51 -22.55 -8.61
CA TYR C 334 11.57 -22.07 -9.50
C TYR C 334 11.18 -21.95 -10.96
N ARG C 335 11.91 -21.10 -11.66
CA ARG C 335 11.69 -20.86 -13.08
C ARG C 335 12.92 -20.17 -13.63
N LEU C 336 13.51 -20.75 -14.67
CA LEU C 336 14.71 -20.17 -15.27
C LEU C 336 14.31 -18.94 -16.07
N ALA C 337 15.08 -17.86 -15.93
CA ALA C 337 14.74 -16.63 -16.65
C ALA C 337 15.90 -15.90 -17.30
N PRO C 338 15.78 -15.61 -18.60
CA PRO C 338 16.82 -14.90 -19.33
C PRO C 338 16.90 -13.50 -18.74
N GLU C 339 18.10 -12.92 -18.74
CA GLU C 339 18.29 -11.60 -18.19
C GLU C 339 17.29 -10.55 -18.70
N ASP C 340 17.18 -10.43 -20.02
CA ASP C 340 16.27 -9.45 -20.61
C ASP C 340 14.80 -9.71 -20.30
N GLU C 341 14.53 -10.78 -19.55
CA GLU C 341 13.15 -11.11 -19.21
C GLU C 341 12.85 -10.89 -17.72
N LEU C 342 13.88 -10.54 -16.96
CA LEU C 342 13.71 -10.29 -15.53
C LEU C 342 12.80 -9.10 -15.32
N LYS C 343 12.86 -8.15 -16.25
CA LYS C 343 12.07 -6.94 -16.18
C LYS C 343 10.58 -7.22 -16.27
N ALA C 344 10.24 -8.47 -16.57
CA ALA C 344 8.85 -8.88 -16.70
C ALA C 344 8.30 -9.39 -15.37
N TYR C 345 9.18 -9.73 -14.45
CA TYR C 345 8.73 -10.24 -13.17
C TYR C 345 8.71 -9.17 -12.10
N ALA C 346 7.76 -9.29 -11.17
CA ALA C 346 7.61 -8.36 -10.07
C ALA C 346 8.47 -8.83 -8.90
N PHE C 347 9.44 -7.99 -8.52
CA PHE C 347 10.38 -8.26 -7.44
C PHE C 347 10.23 -7.23 -6.32
N PRO C 348 10.45 -7.63 -5.06
CA PRO C 348 10.35 -6.69 -3.96
C PRO C 348 11.50 -5.70 -4.15
N VAL C 349 11.40 -4.50 -3.59
CA VAL C 349 12.48 -3.52 -3.75
C VAL C 349 13.82 -4.10 -3.27
N SER C 350 13.75 -4.97 -2.26
CA SER C 350 14.93 -5.61 -1.69
C SER C 350 15.71 -6.40 -2.75
N HIS C 351 15.02 -7.23 -3.52
CA HIS C 351 15.67 -8.02 -4.55
C HIS C 351 15.96 -7.25 -5.82
N GLN C 352 15.38 -6.05 -5.94
CA GLN C 352 15.65 -5.25 -7.12
C GLN C 352 17.05 -4.67 -6.89
N ARG C 353 17.41 -4.51 -5.63
CA ARG C 353 18.72 -3.98 -5.30
C ARG C 353 19.75 -5.10 -5.41
N VAL C 354 19.33 -6.32 -5.11
CA VAL C 354 20.21 -7.47 -5.21
C VAL C 354 20.73 -7.56 -6.63
N TRP C 355 19.83 -7.35 -7.59
CA TRP C 355 20.22 -7.41 -8.98
C TRP C 355 20.99 -6.17 -9.40
N ARG C 356 20.60 -5.02 -8.86
CA ARG C 356 21.28 -3.77 -9.17
C ARG C 356 22.74 -3.91 -8.78
N GLU C 357 22.97 -4.28 -7.52
CA GLU C 357 24.31 -4.45 -6.98
C GLU C 357 25.10 -5.45 -7.82
N TYR C 358 24.46 -6.56 -8.17
CA TYR C 358 25.06 -7.62 -8.96
C TYR C 358 25.56 -7.14 -10.33
N LYS C 359 24.76 -6.31 -10.99
CA LYS C 359 25.11 -5.79 -12.30
C LYS C 359 26.24 -4.77 -12.23
N GLU C 360 26.28 -3.97 -11.17
CA GLU C 360 27.34 -2.98 -11.01
C GLU C 360 28.59 -3.66 -10.48
N TRP C 361 28.50 -4.97 -10.28
CA TRP C 361 29.62 -5.77 -9.79
C TRP C 361 30.33 -6.36 -11.01
N ALA C 362 29.56 -7.05 -11.84
CA ALA C 362 30.10 -7.66 -13.05
C ALA C 362 30.21 -6.59 -14.14
N SER C 363 30.67 -5.40 -13.75
CA SER C 363 30.83 -4.27 -14.67
C SER C 363 31.08 -2.99 -13.89
CA CA D . -15.04 -5.43 5.38
FE1 SF4 E . -7.01 23.51 12.31
FE2 SF4 E . -5.85 21.22 13.15
FE3 SF4 E . -4.96 23.69 14.04
FE4 SF4 E . -7.24 22.61 14.89
S1 SF4 E . -5.15 21.79 15.25
S2 SF4 E . -6.74 24.58 14.23
S3 SF4 E . -7.93 21.51 12.99
S4 SF4 E . -4.91 22.94 11.95
#